data_7EF3
#
_entry.id   7EF3
#
_cell.length_a   64.906
_cell.length_b   67.370
_cell.length_c   80.251
_cell.angle_alpha   90.000
_cell.angle_beta   90.000
_cell.angle_gamma   90.000
#
_symmetry.space_group_name_H-M   'P 21 21 21'
#
loop_
_entity.id
_entity.type
_entity.pdbx_description
1 polymer 'HB transcription factor'
2 polymer 'Histone H3.2'
3 non-polymer 'ZINC ION'
4 water water
#
loop_
_entity_poly.entity_id
_entity_poly.type
_entity_poly.pdbx_seq_one_letter_code
_entity_poly.pdbx_strand_id
1 'polypeptide(L)'
;GKNPVESVSVEFEAKSARDGAWYDVAAFLSHRLFESGDPEVRVRFSGFGAEEDEWINVRKCVRQRSLPCEATECVAVLPG
DLILCFQEGKDQALYYDAHVLDAQRRRHDVGGCRCRFLVRYDHDSSEEIVPLRKVCRRPETDYRLQILHAARAAATN
;
A,B
2 'polypeptide(L)' ARTKQTAR(MLY)S P,Q
#
loop_
_chem_comp.id
_chem_comp.type
_chem_comp.name
_chem_comp.formula
ZN non-polymer 'ZINC ION' 'Zn 2'
#
# COMPACT_ATOMS: atom_id res chain seq x y z
N SER A 7 11.38 -2.51 22.41
CA SER A 7 10.14 -3.26 22.49
C SER A 7 9.00 -2.57 21.73
N VAL A 8 8.52 -3.23 20.68
CA VAL A 8 7.39 -2.72 19.92
C VAL A 8 6.27 -3.76 19.91
N SER A 9 5.09 -3.35 20.33
CA SER A 9 3.94 -4.23 20.38
C SER A 9 3.43 -4.57 18.99
N VAL A 10 3.10 -5.84 18.77
CA VAL A 10 2.52 -6.27 17.51
C VAL A 10 1.15 -6.90 17.75
N GLU A 11 0.12 -6.23 17.26
CA GLU A 11 -1.26 -6.71 17.41
C GLU A 11 -1.78 -7.18 16.06
N PHE A 12 -2.82 -8.01 16.07
CA PHE A 12 -3.33 -8.57 14.82
C PHE A 12 -4.82 -8.33 14.61
N GLU A 13 -5.22 -8.35 13.34
CA GLU A 13 -6.63 -8.39 12.98
C GLU A 13 -6.88 -9.57 12.04
N ALA A 14 -8.08 -10.13 12.13
CA ALA A 14 -8.45 -11.29 11.34
C ALA A 14 -9.73 -11.04 10.57
N LYS A 15 -9.83 -11.63 9.38
CA LYS A 15 -11.01 -11.48 8.55
C LYS A 15 -12.00 -12.61 8.81
N SER A 16 -13.26 -12.24 9.04
CA SER A 16 -14.30 -13.22 9.33
C SER A 16 -14.90 -13.80 8.06
N ALA A 17 -15.20 -15.10 8.08
CA ALA A 17 -15.81 -15.75 6.93
C ALA A 17 -17.29 -15.37 6.83
N ARG A 18 -17.83 -14.83 7.91
CA ARG A 18 -19.25 -14.46 7.94
C ARG A 18 -19.56 -13.29 7.02
N ASP A 19 -18.74 -12.24 7.10
CA ASP A 19 -19.05 -10.99 6.41
C ASP A 19 -17.88 -10.45 5.58
N GLY A 20 -16.69 -11.03 5.76
CA GLY A 20 -15.52 -10.59 5.02
C GLY A 20 -14.93 -9.32 5.59
N ALA A 21 -15.35 -8.94 6.79
CA ALA A 21 -14.81 -7.77 7.47
C ALA A 21 -13.63 -8.16 8.34
N TRP A 22 -12.82 -7.17 8.72
CA TRP A 22 -11.68 -7.41 9.60
C TRP A 22 -12.01 -7.00 11.03
N TYR A 23 -11.53 -7.78 11.99
CA TYR A 23 -11.79 -7.53 13.40
C TYR A 23 -10.52 -7.67 14.23
N ASP A 24 -10.42 -6.90 15.31
CA ASP A 24 -9.30 -7.02 16.23
C ASP A 24 -9.27 -8.38 16.92
N VAL A 25 -8.08 -8.96 17.00
CA VAL A 25 -7.90 -10.25 17.66
C VAL A 25 -7.51 -10.06 19.12
N ALA A 26 -8.28 -10.66 20.01
CA ALA A 26 -7.98 -10.60 21.45
C ALA A 26 -7.03 -11.72 21.87
N ALA A 27 -7.17 -12.89 21.23
CA ALA A 27 -6.35 -14.05 21.59
C ALA A 27 -6.36 -15.14 20.52
N PHE A 28 -5.26 -15.86 20.41
CA PHE A 28 -5.18 -17.05 19.58
C PHE A 28 -5.29 -18.28 20.49
N LEU A 29 -6.35 -19.06 20.31
CA LEU A 29 -6.70 -20.10 21.26
C LEU A 29 -6.08 -21.46 20.95
N SER A 30 -5.97 -21.78 19.65
CA SER A 30 -5.39 -23.05 19.22
C SER A 30 -5.05 -23.02 17.73
N HIS A 31 -4.37 -24.07 17.26
CA HIS A 31 -3.99 -24.16 15.86
C HIS A 31 -4.37 -25.51 15.28
N ARG A 32 -4.54 -25.56 13.96
CA ARG A 32 -4.70 -26.84 13.29
C ARG A 32 -4.04 -26.82 11.91
N LEU A 33 -3.38 -27.93 11.59
CA LEU A 33 -2.60 -28.07 10.37
C LEU A 33 -3.26 -29.05 9.41
N PHE A 34 -3.10 -28.80 8.11
CA PHE A 34 -3.65 -29.69 7.09
C PHE A 34 -2.54 -30.20 6.18
N GLU A 35 -2.80 -31.32 5.51
CA GLU A 35 -1.82 -31.88 4.57
C GLU A 35 -1.71 -31.00 3.33
N SER A 36 -2.81 -30.37 2.96
CA SER A 36 -2.88 -29.57 1.75
C SER A 36 -2.40 -28.13 1.93
N GLY A 37 -2.05 -27.78 3.17
CA GLY A 37 -1.49 -26.47 3.46
C GLY A 37 -2.45 -25.48 4.10
N ASP A 38 -2.02 -24.22 4.16
CA ASP A 38 -2.78 -23.14 4.79
C ASP A 38 -3.24 -23.49 6.21
N PRO A 39 -2.34 -23.34 7.20
CA PRO A 39 -2.65 -23.57 8.60
C PRO A 39 -3.77 -22.66 9.10
N GLU A 40 -4.51 -23.11 10.12
CA GLU A 40 -5.61 -22.29 10.63
C GLU A 40 -5.49 -22.05 12.12
N VAL A 41 -5.95 -20.89 12.58
CA VAL A 41 -5.87 -20.55 14.00
C VAL A 41 -7.23 -20.15 14.55
N ARG A 42 -7.53 -20.64 15.76
CA ARG A 42 -8.76 -20.32 16.46
C ARG A 42 -8.64 -18.94 17.10
N VAL A 43 -9.57 -18.06 16.76
CA VAL A 43 -9.50 -16.67 17.17
C VAL A 43 -10.68 -16.27 18.05
N ARG A 44 -10.34 -15.63 19.17
CA ARG A 44 -11.28 -14.90 20.01
C ARG A 44 -11.21 -13.43 19.64
N PHE A 45 -12.34 -12.84 19.25
CA PHE A 45 -12.36 -11.45 18.81
C PHE A 45 -12.53 -10.48 19.98
N SER A 46 -11.89 -9.33 19.88
CA SER A 46 -11.99 -8.29 20.90
C SER A 46 -13.43 -7.79 21.02
N GLY A 47 -13.96 -7.80 22.23
CA GLY A 47 -15.32 -7.35 22.47
C GLY A 47 -16.35 -8.32 21.94
N PHE A 48 -16.00 -9.60 21.87
CA PHE A 48 -16.93 -10.64 21.47
C PHE A 48 -16.73 -11.92 22.27
N GLY A 49 -17.83 -12.59 22.59
CA GLY A 49 -17.79 -13.77 23.43
C GLY A 49 -17.20 -14.99 22.78
N ALA A 50 -17.34 -16.14 23.45
CA ALA A 50 -16.78 -17.39 22.97
C ALA A 50 -17.56 -17.96 21.79
N GLU A 51 -18.85 -17.62 21.71
CA GLU A 51 -19.69 -18.15 20.65
C GLU A 51 -19.34 -17.57 19.29
N GLU A 52 -18.53 -16.52 19.29
CA GLU A 52 -18.09 -15.88 18.05
C GLU A 52 -16.68 -16.31 17.65
N ASP A 53 -16.09 -17.21 18.42
CA ASP A 53 -14.76 -17.74 18.10
C ASP A 53 -14.75 -18.34 16.70
N GLU A 54 -13.62 -18.19 15.99
CA GLU A 54 -13.61 -18.61 14.59
C GLU A 54 -12.29 -19.20 14.13
N TRP A 55 -12.36 -20.26 13.34
CA TRP A 55 -11.17 -20.80 12.69
C TRP A 55 -10.80 -19.94 11.48
N ILE A 56 -9.59 -19.40 11.50
CA ILE A 56 -9.17 -18.42 10.51
C ILE A 56 -7.91 -18.86 9.76
N ASN A 57 -7.96 -18.77 8.43
CA ASN A 57 -6.80 -19.02 7.59
C ASN A 57 -5.70 -18.03 7.96
N VAL A 58 -4.59 -18.55 8.49
CA VAL A 58 -3.54 -17.70 9.06
C VAL A 58 -2.84 -16.85 8.01
N ARG A 59 -2.55 -17.43 6.86
CA ARG A 59 -1.77 -16.76 5.83
C ARG A 59 -2.57 -15.73 5.03
N LYS A 60 -3.88 -15.91 4.92
CA LYS A 60 -4.67 -15.06 4.04
C LYS A 60 -5.76 -14.27 4.74
N CYS A 61 -5.94 -14.50 6.04
CA CYS A 61 -7.00 -13.83 6.77
C CYS A 61 -6.56 -13.37 8.15
N VAL A 62 -5.25 -13.36 8.39
CA VAL A 62 -4.68 -12.77 9.60
C VAL A 62 -3.54 -11.84 9.22
N ARG A 63 -3.58 -10.60 9.72
CA ARG A 63 -2.51 -9.66 9.39
C ARG A 63 -2.26 -8.69 10.54
N GLN A 64 -1.17 -7.94 10.45
CA GLN A 64 -0.85 -6.94 11.47
C GLN A 64 -1.97 -5.91 11.52
N ARG A 65 -2.28 -5.46 12.74
CA ARG A 65 -3.42 -4.58 12.98
C ARG A 65 -3.34 -3.25 12.24
N SER A 66 -4.44 -2.87 11.60
CA SER A 66 -4.56 -1.56 10.98
C SER A 66 -4.59 -0.48 12.06
N LEU A 67 -4.13 0.72 11.72
CA LEU A 67 -3.95 1.77 12.73
C LEU A 67 -4.94 2.92 12.56
N PRO A 68 -5.80 3.14 13.57
CA PRO A 68 -6.62 4.35 13.61
C PRO A 68 -5.74 5.59 13.53
N CYS A 69 -6.11 6.55 12.70
CA CYS A 69 -5.23 7.68 12.39
C CYS A 69 -5.28 8.81 13.41
N GLU A 70 -4.10 9.31 13.76
CA GLU A 70 -3.99 10.60 14.41
C GLU A 70 -4.37 11.65 13.38
N ALA A 71 -4.91 12.79 13.84
CA ALA A 71 -5.33 13.86 12.95
C ALA A 71 -4.17 14.33 12.08
N THR A 72 -2.96 14.28 12.62
CA THR A 72 -1.74 14.67 11.93
C THR A 72 -1.42 13.72 10.78
N GLU A 73 -1.72 12.44 10.97
CA GLU A 73 -1.29 11.39 10.06
C GLU A 73 -2.09 11.31 8.75
N CYS A 74 -2.96 12.28 8.51
CA CYS A 74 -3.76 12.29 7.28
C CYS A 74 -2.87 12.37 6.04
N VAL A 75 -1.65 12.89 6.22
CA VAL A 75 -0.69 13.03 5.12
C VAL A 75 -0.11 11.68 4.72
N ALA A 76 -0.42 10.64 5.49
CA ALA A 76 0.05 9.29 5.20
C ALA A 76 -1.02 8.47 4.47
N VAL A 77 -2.17 9.09 4.26
CA VAL A 77 -3.25 8.46 3.50
C VAL A 77 -3.28 9.01 2.08
N LEU A 78 -2.83 8.21 1.12
CA LEU A 78 -2.69 8.67 -0.26
C LEU A 78 -3.60 7.90 -1.22
N PRO A 79 -3.95 8.53 -2.35
CA PRO A 79 -4.66 7.81 -3.43
C PRO A 79 -3.86 6.60 -3.90
N GLY A 80 -4.54 5.47 -4.07
CA GLY A 80 -3.88 4.24 -4.46
C GLY A 80 -3.67 3.30 -3.28
N ASP A 81 -3.65 3.85 -2.08
CA ASP A 81 -3.43 3.06 -0.87
C ASP A 81 -4.56 2.08 -0.58
N LEU A 82 -4.19 0.96 0.05
CA LEU A 82 -5.14 0.09 0.70
C LEU A 82 -5.29 0.57 2.14
N ILE A 83 -6.54 0.72 2.58
CA ILE A 83 -6.82 1.12 3.96
C ILE A 83 -7.94 0.26 4.54
N LEU A 84 -8.05 0.26 5.86
CA LEU A 84 -9.19 -0.39 6.51
C LEU A 84 -10.23 0.67 6.86
N CYS A 85 -11.38 0.63 6.19
CA CYS A 85 -12.35 1.71 6.29
C CYS A 85 -13.66 1.28 6.95
N PHE A 86 -14.15 2.11 7.86
CA PHE A 86 -15.38 1.81 8.59
C PHE A 86 -16.61 2.11 7.75
N GLN A 87 -17.26 1.06 7.27
CA GLN A 87 -18.51 1.19 6.51
C GLN A 87 -19.69 1.13 7.46
N GLU A 88 -20.38 2.27 7.60
CA GLU A 88 -21.46 2.41 8.58
C GLU A 88 -22.82 2.44 7.90
N GLY A 89 -23.65 1.43 8.17
CA GLY A 89 -24.96 1.33 7.54
C GLY A 89 -26.11 1.33 8.51
N LYS A 90 -27.30 1.02 8.02
CA LYS A 90 -28.52 1.07 8.83
C LYS A 90 -28.62 -0.11 9.80
N ASP A 91 -28.20 -1.29 9.35
CA ASP A 91 -28.30 -2.48 10.17
C ASP A 91 -26.92 -3.07 10.50
N GLN A 92 -25.86 -2.37 10.08
CA GLN A 92 -24.53 -2.93 10.14
C GLN A 92 -23.44 -1.87 10.02
N ALA A 93 -22.35 -2.04 10.76
CA ALA A 93 -21.22 -1.12 10.69
C ALA A 93 -19.90 -1.86 10.89
N LEU A 94 -19.17 -2.11 9.81
CA LEU A 94 -17.99 -2.97 9.87
C LEU A 94 -16.78 -2.40 9.14
N TYR A 95 -15.59 -2.80 9.58
CA TYR A 95 -14.35 -2.43 8.91
C TYR A 95 -14.10 -3.30 7.69
N TYR A 96 -13.99 -2.66 6.52
CA TYR A 96 -13.74 -3.37 5.27
C TYR A 96 -12.52 -2.81 4.55
N ASP A 97 -11.80 -3.67 3.84
CA ASP A 97 -10.71 -3.22 3.00
C ASP A 97 -11.21 -2.30 1.90
N ALA A 98 -10.52 -1.18 1.69
CA ALA A 98 -10.90 -0.22 0.66
C ALA A 98 -9.66 0.40 0.03
N HIS A 99 -9.84 1.02 -1.12
CA HIS A 99 -8.74 1.73 -1.76
C HIS A 99 -9.08 3.21 -1.93
N VAL A 100 -8.12 4.06 -1.58
CA VAL A 100 -8.29 5.50 -1.71
C VAL A 100 -8.17 5.93 -3.16
N LEU A 101 -9.22 6.56 -3.68
CA LEU A 101 -9.24 7.02 -5.06
C LEU A 101 -8.79 8.47 -5.16
N ASP A 102 -9.12 9.26 -4.15
CA ASP A 102 -8.81 10.68 -4.16
C ASP A 102 -8.94 11.25 -2.75
N ALA A 103 -8.36 12.42 -2.54
CA ALA A 103 -8.39 13.07 -1.23
C ALA A 103 -8.52 14.58 -1.38
N GLN A 104 -9.51 15.16 -0.70
CA GLN A 104 -9.63 16.61 -0.61
C GLN A 104 -9.06 17.08 0.72
N ARG A 105 -7.88 17.68 0.67
CA ARG A 105 -7.19 18.08 1.88
C ARG A 105 -7.48 19.53 2.24
N ARG A 106 -8.04 19.73 3.42
CA ARG A 106 -8.43 21.06 3.88
C ARG A 106 -7.73 21.41 5.19
N ARG A 107 -7.66 22.70 5.51
CA ARG A 107 -6.96 23.13 6.71
C ARG A 107 -7.65 22.57 7.95
N HIS A 108 -6.85 22.11 8.90
CA HIS A 108 -7.36 21.54 10.14
C HIS A 108 -7.95 22.62 11.04
N ASP A 109 -8.68 22.19 12.06
CA ASP A 109 -9.23 23.11 13.04
C ASP A 109 -9.08 22.53 14.45
N VAL A 110 -9.83 23.09 15.39
CA VAL A 110 -9.79 22.64 16.78
C VAL A 110 -10.27 21.19 16.89
N GLY A 111 -11.17 20.78 15.99
CA GLY A 111 -11.69 19.43 15.99
C GLY A 111 -10.75 18.41 15.39
N GLY A 112 -9.70 18.87 14.72
CA GLY A 112 -8.72 17.98 14.13
C GLY A 112 -8.73 17.99 12.61
N CYS A 113 -8.66 16.80 12.02
CA CYS A 113 -8.58 16.67 10.57
C CYS A 113 -9.92 16.98 9.90
N ARG A 114 -9.88 17.80 8.85
CA ARG A 114 -11.07 18.15 8.10
C ARG A 114 -10.99 17.62 6.67
N CYS A 115 -10.02 16.75 6.42
CA CYS A 115 -9.84 16.19 5.09
C CYS A 115 -10.90 15.15 4.76
N ARG A 116 -11.31 15.10 3.50
CA ARG A 116 -12.26 14.08 3.03
C ARG A 116 -11.53 13.09 2.12
N PHE A 117 -11.92 11.82 2.18
CA PHE A 117 -11.31 10.81 1.34
C PHE A 117 -12.36 10.04 0.54
N LEU A 118 -12.23 10.06 -0.78
CA LEU A 118 -13.07 9.21 -1.63
C LEU A 118 -12.48 7.81 -1.66
N VAL A 119 -13.23 6.84 -1.17
CA VAL A 119 -12.73 5.46 -1.12
C VAL A 119 -13.64 4.51 -1.88
N ARG A 120 -13.08 3.37 -2.26
CA ARG A 120 -13.82 2.33 -2.96
C ARG A 120 -13.59 0.99 -2.25
N TYR A 121 -14.65 0.43 -1.69
CA TYR A 121 -14.53 -0.82 -0.95
C TYR A 121 -14.25 -1.99 -1.89
N ASP A 122 -13.22 -2.76 -1.57
CA ASP A 122 -12.77 -3.86 -2.41
C ASP A 122 -13.83 -4.93 -2.64
N HIS A 123 -14.65 -5.18 -1.63
CA HIS A 123 -15.54 -6.34 -1.66
C HIS A 123 -16.84 -6.10 -2.44
N ASP A 124 -17.40 -4.90 -2.35
CA ASP A 124 -18.67 -4.63 -3.03
C ASP A 124 -18.54 -3.57 -4.13
N SER A 125 -17.34 -3.05 -4.30
CA SER A 125 -17.04 -2.03 -5.31
C SER A 125 -17.82 -0.73 -5.09
N SER A 126 -18.45 -0.60 -3.93
CA SER A 126 -19.18 0.61 -3.60
C SER A 126 -18.20 1.72 -3.23
N GLU A 127 -18.60 2.96 -3.45
CA GLU A 127 -17.72 4.09 -3.20
C GLU A 127 -18.35 5.06 -2.20
N GLU A 128 -17.51 5.68 -1.38
CA GLU A 128 -17.99 6.54 -0.31
C GLU A 128 -16.97 7.61 0.08
N ILE A 129 -17.46 8.79 0.43
CA ILE A 129 -16.61 9.86 0.94
C ILE A 129 -16.60 9.81 2.48
N VAL A 130 -15.41 9.64 3.06
CA VAL A 130 -15.30 9.45 4.50
C VAL A 130 -14.32 10.42 5.14
N PRO A 131 -14.51 10.69 6.45
CA PRO A 131 -13.53 11.47 7.21
C PRO A 131 -12.38 10.58 7.70
N LEU A 132 -11.34 11.19 8.24
CA LEU A 132 -10.17 10.46 8.71
C LEU A 132 -10.51 9.53 9.88
N ARG A 133 -11.53 9.89 10.65
CA ARG A 133 -11.91 9.11 11.82
C ARG A 133 -12.41 7.71 11.47
N LYS A 134 -12.76 7.51 10.20
CA LYS A 134 -13.23 6.21 9.73
C LYS A 134 -12.14 5.41 9.02
N VAL A 135 -10.93 5.98 8.96
CA VAL A 135 -9.84 5.39 8.21
C VAL A 135 -8.76 4.80 9.12
N CYS A 136 -8.34 3.57 8.80
CA CYS A 136 -7.24 2.92 9.48
C CYS A 136 -6.09 2.64 8.50
N ARG A 137 -4.91 3.13 8.85
CA ARG A 137 -3.70 2.94 8.03
C ARG A 137 -3.12 1.54 8.19
N ARG A 138 -2.57 1.00 7.11
CA ARG A 138 -1.71 -0.18 7.20
C ARG A 138 -0.44 0.26 7.91
N PRO A 139 0.04 -0.55 8.87
CA PRO A 139 1.18 -0.19 9.72
C PRO A 139 2.43 0.26 8.96
N GLU A 140 2.66 -0.30 7.78
CA GLU A 140 3.84 0.03 6.99
C GLU A 140 3.89 1.51 6.60
N THR A 141 2.74 2.17 6.57
CA THR A 141 2.68 3.59 6.24
C THR A 141 3.41 4.43 7.29
N ASP A 142 3.67 3.83 8.46
CA ASP A 142 4.49 4.48 9.47
C ASP A 142 5.83 4.92 8.87
N TYR A 143 6.34 4.09 7.95
CA TYR A 143 7.54 4.42 7.20
C TYR A 143 7.46 5.83 6.66
N ARG A 144 6.38 6.13 5.93
CA ARG A 144 6.15 7.47 5.39
C ARG A 144 6.29 8.52 6.48
N LEU A 145 5.61 8.29 7.60
CA LEU A 145 5.63 9.23 8.71
C LEU A 145 7.06 9.42 9.19
N GLN A 146 7.79 8.32 9.28
CA GLN A 146 9.19 8.39 9.72
C GLN A 146 9.98 9.27 8.77
N ILE A 147 9.73 9.11 7.47
CA ILE A 147 10.38 9.96 6.48
C ILE A 147 10.07 11.41 6.79
N LEU A 148 8.79 11.68 7.03
CA LEU A 148 8.34 13.03 7.32
C LEU A 148 9.00 13.57 8.59
N HIS A 149 9.29 12.67 9.53
CA HIS A 149 9.87 13.10 10.78
C HIS A 149 11.34 13.45 10.60
N ALA A 150 11.96 12.86 9.58
CA ALA A 150 13.37 13.11 9.31
C ALA A 150 13.56 14.46 8.63
N ALA A 151 12.49 14.95 8.00
CA ALA A 151 12.54 16.21 7.26
C ALA A 151 12.40 17.41 8.18
N ARG A 152 12.08 17.16 9.45
CA ARG A 152 11.88 18.25 10.41
C ARG A 152 13.20 18.95 10.74
N ALA A 153 13.11 20.05 11.48
CA ALA A 153 14.30 20.77 11.92
C ALA A 153 14.86 20.17 13.21
N ALA A 154 16.14 20.38 13.44
CA ALA A 154 16.80 19.87 14.64
C ALA A 154 16.97 20.98 15.68
N SER B 7 21.42 8.09 8.37
CA SER B 7 21.96 8.57 7.10
C SER B 7 21.35 7.83 5.91
N VAL B 8 20.06 7.53 6.00
CA VAL B 8 19.34 6.91 4.90
C VAL B 8 19.31 7.85 3.70
N SER B 9 19.81 7.38 2.57
CA SER B 9 19.82 8.17 1.35
C SER B 9 18.46 8.05 0.65
N VAL B 10 18.07 9.10 -0.05
CA VAL B 10 16.80 9.12 -0.76
C VAL B 10 16.97 9.43 -2.24
N GLU B 11 16.44 8.57 -3.08
CA GLU B 11 16.45 8.79 -4.52
C GLU B 11 15.01 8.86 -5.04
N PHE B 12 14.84 9.47 -6.20
CA PHE B 12 13.49 9.74 -6.70
C PHE B 12 13.23 9.21 -8.11
N GLU B 13 11.95 8.98 -8.38
CA GLU B 13 11.46 8.67 -9.71
C GLU B 13 10.38 9.67 -10.09
N ALA B 14 10.27 9.96 -11.38
CA ALA B 14 9.33 10.96 -11.88
C ALA B 14 8.53 10.41 -13.05
N LYS B 15 7.26 10.80 -13.13
CA LYS B 15 6.39 10.37 -14.22
C LYS B 15 6.50 11.31 -15.41
N SER B 16 6.79 10.75 -16.57
CA SER B 16 6.93 11.55 -17.80
C SER B 16 5.57 11.85 -18.41
N ALA B 17 5.42 13.05 -18.96
CA ALA B 17 4.17 13.45 -19.60
C ALA B 17 4.03 12.84 -21.00
N ARG B 18 5.13 12.31 -21.52
CA ARG B 18 5.16 11.76 -22.87
C ARG B 18 4.50 10.39 -22.95
N ASP B 19 4.71 9.58 -21.91
CA ASP B 19 4.22 8.19 -21.93
C ASP B 19 3.44 7.82 -20.66
N GLY B 20 3.63 8.59 -19.60
CA GLY B 20 2.96 8.30 -18.34
C GLY B 20 3.69 7.23 -17.53
N ALA B 21 4.90 6.91 -17.96
CA ALA B 21 5.72 5.93 -17.26
C ALA B 21 6.68 6.62 -16.30
N TRP B 22 7.17 5.87 -15.31
CA TRP B 22 8.07 6.42 -14.31
C TRP B 22 9.53 6.15 -14.67
N TYR B 23 10.39 7.14 -14.40
CA TYR B 23 11.81 7.02 -14.70
C TYR B 23 12.64 7.50 -13.52
N ASP B 24 13.81 6.90 -13.33
CA ASP B 24 14.73 7.33 -12.27
C ASP B 24 15.24 8.74 -12.52
N VAL B 25 15.23 9.56 -11.47
CA VAL B 25 15.74 10.91 -11.56
C VAL B 25 17.22 10.95 -11.20
N ALA B 26 18.02 11.60 -12.05
CA ALA B 26 19.43 11.77 -11.79
C ALA B 26 19.70 13.06 -11.01
N ALA B 27 18.95 14.10 -11.34
CA ALA B 27 19.12 15.40 -10.70
C ALA B 27 17.93 16.32 -10.90
N PHE B 28 17.74 17.24 -9.97
CA PHE B 28 16.76 18.32 -10.11
C PHE B 28 17.48 19.62 -10.45
N LEU B 29 17.09 20.24 -11.56
CA LEU B 29 17.85 21.36 -12.11
C LEU B 29 17.28 22.73 -11.78
N SER B 30 15.96 22.84 -11.71
CA SER B 30 15.32 24.12 -11.47
C SER B 30 13.89 23.95 -10.94
N HIS B 31 13.29 25.04 -10.50
CA HIS B 31 11.92 25.02 -10.00
C HIS B 31 11.11 26.18 -10.56
N ARG B 32 9.79 26.01 -10.60
CA ARG B 32 8.90 27.11 -10.95
C ARG B 32 7.55 26.97 -10.24
N LEU B 33 6.97 28.13 -9.90
CA LEU B 33 5.74 28.17 -9.11
C LEU B 33 4.59 28.79 -9.89
N PHE B 34 3.37 28.45 -9.48
CA PHE B 34 2.16 29.05 -10.02
C PHE B 34 1.29 29.57 -8.89
N GLU B 35 0.42 30.53 -9.18
CA GLU B 35 -0.49 31.06 -8.17
C GLU B 35 -1.62 30.07 -7.93
N SER B 36 -1.74 29.09 -8.83
CA SER B 36 -2.71 28.02 -8.68
C SER B 36 -2.23 27.04 -7.61
N GLY B 37 -0.92 27.01 -7.40
CA GLY B 37 -0.31 26.04 -6.51
C GLY B 37 0.39 24.98 -7.33
N ASP B 38 0.78 23.88 -6.68
CA ASP B 38 1.46 22.76 -7.33
C ASP B 38 2.72 23.19 -8.08
N PRO B 39 3.83 23.34 -7.35
CA PRO B 39 5.14 23.67 -7.94
C PRO B 39 5.61 22.62 -8.94
N GLU B 40 6.53 23.00 -9.81
CA GLU B 40 7.08 22.06 -10.78
C GLU B 40 8.61 22.11 -10.79
N VAL B 41 9.23 20.94 -10.86
CA VAL B 41 10.68 20.86 -10.88
C VAL B 41 11.16 20.34 -12.22
N ARG B 42 12.22 20.93 -12.76
CA ARG B 42 12.81 20.44 -13.99
C ARG B 42 13.78 19.31 -13.67
N VAL B 43 13.59 18.18 -14.33
CA VAL B 43 14.36 16.99 -14.03
C VAL B 43 15.19 16.48 -15.20
N ARG B 44 16.36 15.97 -14.85
CA ARG B 44 17.24 15.22 -15.72
C ARG B 44 17.09 13.74 -15.40
N PHE B 45 16.68 12.96 -16.40
CA PHE B 45 16.44 11.54 -16.18
C PHE B 45 17.74 10.73 -16.25
N SER B 46 17.84 9.72 -15.41
CA SER B 46 19.01 8.85 -15.37
C SER B 46 19.21 8.13 -16.70
N GLY B 47 20.39 8.29 -17.28
CA GLY B 47 20.71 7.64 -18.54
C GLY B 47 20.43 8.50 -19.76
N PHE B 48 19.64 9.54 -19.58
CA PHE B 48 19.29 10.42 -20.69
C PHE B 48 20.02 11.75 -20.59
N GLY B 49 20.06 12.49 -21.70
CA GLY B 49 20.72 13.78 -21.75
C GLY B 49 19.79 14.92 -21.43
N ALA B 50 20.24 16.14 -21.72
CA ALA B 50 19.46 17.34 -21.43
C ALA B 50 18.27 17.50 -22.37
N GLU B 51 18.32 16.82 -23.50
CA GLU B 51 17.28 16.94 -24.51
C GLU B 51 16.02 16.18 -24.11
N GLU B 52 16.15 15.35 -23.08
CA GLU B 52 15.01 14.56 -22.58
C GLU B 52 14.54 15.09 -21.23
N ASP B 53 15.11 16.23 -20.82
CA ASP B 53 14.73 16.88 -19.56
C ASP B 53 13.25 17.25 -19.56
N GLU B 54 12.66 17.37 -18.37
CA GLU B 54 11.22 17.62 -18.34
C GLU B 54 10.74 18.40 -17.12
N TRP B 55 9.73 19.25 -17.32
CA TRP B 55 9.08 19.94 -16.21
C TRP B 55 8.03 19.03 -15.58
N ILE B 56 8.21 18.72 -14.31
CA ILE B 56 7.39 17.72 -13.63
C ILE B 56 6.68 18.26 -12.40
N ASN B 57 5.38 17.99 -12.33
CA ASN B 57 4.58 18.29 -11.14
C ASN B 57 5.14 17.53 -9.93
N VAL B 58 5.68 18.28 -8.98
CA VAL B 58 6.34 17.69 -7.81
C VAL B 58 5.38 16.86 -6.97
N ARG B 59 4.25 17.46 -6.60
CA ARG B 59 3.29 16.83 -5.70
C ARG B 59 2.68 15.55 -6.28
N LYS B 60 2.48 15.52 -7.60
CA LYS B 60 1.75 14.41 -8.20
C LYS B 60 2.65 13.42 -8.94
N CYS B 61 3.78 13.88 -9.45
CA CYS B 61 4.57 13.06 -10.37
C CYS B 61 6.05 12.93 -9.97
N VAL B 62 6.35 13.14 -8.70
CA VAL B 62 7.69 12.89 -8.18
C VAL B 62 7.59 12.15 -6.86
N ARG B 63 8.27 11.01 -6.73
CA ARG B 63 8.19 10.24 -5.50
C ARG B 63 9.48 9.49 -5.20
N GLN B 64 9.59 8.95 -3.99
CA GLN B 64 10.74 8.14 -3.61
C GLN B 64 10.84 6.93 -4.54
N ARG B 65 12.05 6.57 -4.93
CA ARG B 65 12.28 5.56 -5.95
C ARG B 65 11.73 4.18 -5.56
N SER B 66 11.14 3.49 -6.52
CA SER B 66 10.64 2.14 -6.31
C SER B 66 11.79 1.14 -6.24
N LEU B 67 11.57 0.03 -5.55
CA LEU B 67 12.64 -0.93 -5.29
C LEU B 67 12.45 -2.24 -6.05
N PRO B 68 13.39 -2.56 -6.95
CA PRO B 68 13.43 -3.88 -7.58
C PRO B 68 13.53 -4.98 -6.53
N CYS B 69 12.75 -6.04 -6.67
CA CYS B 69 12.66 -7.06 -5.62
C CYS B 69 13.70 -8.16 -5.74
N GLU B 70 14.25 -8.56 -4.58
CA GLU B 70 15.07 -9.76 -4.50
C GLU B 70 14.14 -10.96 -4.40
N ALA B 71 14.66 -12.15 -4.65
CA ALA B 71 13.84 -13.37 -4.75
C ALA B 71 13.00 -13.64 -3.51
N THR B 72 13.53 -13.26 -2.34
CA THR B 72 12.84 -13.51 -1.08
C THR B 72 11.78 -12.46 -0.75
N GLU B 73 11.84 -11.32 -1.43
CA GLU B 73 10.99 -10.19 -1.10
C GLU B 73 9.60 -10.29 -1.75
N CYS B 74 9.33 -11.44 -2.37
CA CYS B 74 8.02 -11.71 -2.96
C CYS B 74 6.95 -11.73 -1.88
N VAL B 75 7.37 -12.02 -0.64
CA VAL B 75 6.47 -12.05 0.50
C VAL B 75 6.01 -10.64 0.87
N ALA B 76 6.70 -9.64 0.34
CA ALA B 76 6.36 -8.25 0.61
C ALA B 76 5.53 -7.64 -0.52
N VAL B 77 5.21 -8.46 -1.51
CA VAL B 77 4.32 -8.05 -2.58
C VAL B 77 2.96 -8.72 -2.38
N LEU B 78 1.98 -7.90 -2.00
CA LEU B 78 0.67 -8.42 -1.59
C LEU B 78 -0.45 -7.94 -2.50
N PRO B 79 -1.56 -8.67 -2.54
CA PRO B 79 -2.75 -8.19 -3.26
C PRO B 79 -3.26 -6.87 -2.70
N GLY B 80 -3.60 -5.93 -3.59
CA GLY B 80 -4.06 -4.62 -3.16
C GLY B 80 -2.94 -3.59 -3.14
N ASP B 81 -1.70 -4.07 -3.24
CA ASP B 81 -0.53 -3.19 -3.24
C ASP B 81 -0.41 -2.35 -4.50
N LEU B 82 0.09 -1.14 -4.34
CA LEU B 82 0.57 -0.36 -5.47
C LEU B 82 2.00 -0.77 -5.77
N ILE B 83 2.27 -1.11 -7.02
CA ILE B 83 3.62 -1.46 -7.44
C ILE B 83 3.97 -0.75 -8.73
N LEU B 84 5.27 -0.63 -9.00
CA LEU B 84 5.75 -0.16 -10.29
C LEU B 84 6.09 -1.38 -11.14
N CYS B 85 5.29 -1.61 -12.17
CA CYS B 85 5.39 -2.84 -12.95
C CYS B 85 6.02 -2.63 -14.32
N PHE B 86 6.94 -3.51 -14.69
CA PHE B 86 7.60 -3.44 -15.98
C PHE B 86 6.73 -4.03 -17.08
N GLN B 87 6.17 -3.16 -17.91
CA GLN B 87 5.31 -3.55 -19.02
C GLN B 87 6.11 -3.63 -20.32
N GLU B 88 6.23 -4.85 -20.85
CA GLU B 88 6.93 -5.08 -22.10
C GLU B 88 5.96 -5.14 -23.28
N GLY B 89 6.24 -4.30 -24.28
CA GLY B 89 5.50 -4.37 -25.53
C GLY B 89 6.48 -4.65 -26.65
N LYS B 90 5.97 -4.81 -27.87
CA LYS B 90 6.83 -4.97 -29.04
C LYS B 90 7.15 -3.61 -29.62
N ASP B 91 6.70 -2.58 -28.92
CA ASP B 91 6.96 -1.19 -29.31
C ASP B 91 7.83 -0.50 -28.28
N GLN B 92 7.57 -0.79 -27.01
CA GLN B 92 8.32 -0.18 -25.91
C GLN B 92 8.22 -1.01 -24.64
N ALA B 93 9.14 -0.78 -23.71
CA ALA B 93 9.15 -1.48 -22.43
C ALA B 93 9.32 -0.49 -21.29
N LEU B 94 8.23 -0.17 -20.61
CA LEU B 94 8.23 0.93 -19.64
C LEU B 94 7.64 0.53 -18.28
N TYR B 95 8.05 1.24 -17.23
CA TYR B 95 7.49 1.03 -15.90
C TYR B 95 6.21 1.83 -15.67
N TYR B 96 5.10 1.14 -15.45
CA TYR B 96 3.83 1.81 -15.18
C TYR B 96 3.27 1.43 -13.81
N ASP B 97 2.52 2.33 -13.20
CA ASP B 97 1.83 2.03 -11.95
C ASP B 97 0.81 0.93 -12.14
N ALA B 98 0.76 -0.02 -11.20
CA ALA B 98 -0.21 -1.09 -11.26
C ALA B 98 -0.61 -1.53 -9.86
N HIS B 99 -1.77 -2.16 -9.74
CA HIS B 99 -2.18 -2.74 -8.47
C HIS B 99 -2.24 -4.27 -8.56
N VAL B 100 -1.80 -4.93 -7.50
CA VAL B 100 -1.82 -6.38 -7.46
C VAL B 100 -3.21 -6.88 -7.10
N LEU B 101 -3.81 -7.64 -8.02
CA LEU B 101 -5.14 -8.19 -7.81
C LEU B 101 -5.09 -9.53 -7.10
N ASP B 102 -4.13 -10.36 -7.50
CA ASP B 102 -3.99 -11.70 -6.94
C ASP B 102 -2.56 -12.20 -7.07
N ALA B 103 -2.18 -13.16 -6.23
CA ALA B 103 -0.84 -13.73 -6.25
C ALA B 103 -0.90 -15.25 -6.18
N GLN B 104 -0.20 -15.91 -7.10
CA GLN B 104 -0.06 -17.35 -7.04
C GLN B 104 1.31 -17.71 -6.47
N ARG B 105 1.34 -18.02 -5.18
CA ARG B 105 2.59 -18.36 -4.51
C ARG B 105 3.04 -19.77 -4.87
N ARG B 106 4.28 -19.89 -5.31
CA ARG B 106 4.85 -21.19 -5.66
C ARG B 106 6.17 -21.41 -4.92
N ARG B 107 6.51 -22.67 -4.70
CA ARG B 107 7.79 -23.03 -4.11
C ARG B 107 8.94 -22.52 -4.95
N HIS B 108 9.89 -21.84 -4.31
CA HIS B 108 11.08 -21.37 -5.00
C HIS B 108 12.00 -22.54 -5.35
N ASP B 109 12.77 -22.39 -6.41
CA ASP B 109 13.81 -23.34 -6.73
C ASP B 109 15.15 -22.62 -6.73
N VAL B 110 16.17 -23.25 -7.31
CA VAL B 110 17.51 -22.68 -7.33
C VAL B 110 17.58 -21.41 -8.18
N GLY B 111 16.56 -21.21 -9.02
CA GLY B 111 16.51 -20.06 -9.89
C GLY B 111 15.90 -18.86 -9.20
N GLY B 112 15.33 -19.09 -8.02
CA GLY B 112 14.75 -18.02 -7.23
C GLY B 112 13.24 -18.11 -7.13
N CYS B 113 12.59 -16.95 -7.10
CA CYS B 113 11.15 -16.87 -6.96
C CYS B 113 10.40 -17.39 -8.19
N ARG B 114 9.34 -18.16 -7.95
CA ARG B 114 8.52 -18.69 -9.04
C ARG B 114 7.08 -18.22 -8.90
N CYS B 115 6.83 -17.35 -7.94
CA CYS B 115 5.50 -16.80 -7.72
C CYS B 115 5.02 -15.98 -8.91
N ARG B 116 3.72 -16.02 -9.17
CA ARG B 116 3.13 -15.24 -10.26
C ARG B 116 2.09 -14.26 -9.73
N PHE B 117 2.11 -13.04 -10.27
CA PHE B 117 1.22 -11.99 -9.80
C PHE B 117 0.30 -11.46 -10.89
N LEU B 118 -1.00 -11.53 -10.65
CA LEU B 118 -1.95 -10.86 -11.53
C LEU B 118 -2.00 -9.38 -11.17
N VAL B 119 -1.71 -8.51 -12.13
CA VAL B 119 -1.70 -7.08 -11.87
C VAL B 119 -2.58 -6.33 -12.87
N ARG B 120 -3.07 -5.17 -12.43
CA ARG B 120 -3.84 -4.28 -13.29
C ARG B 120 -3.18 -2.91 -13.37
N TYR B 121 -2.77 -2.52 -14.56
CA TYR B 121 -2.12 -1.23 -14.77
C TYR B 121 -3.10 -0.08 -14.54
N ASP B 122 -2.69 0.90 -13.73
CA ASP B 122 -3.58 1.96 -13.28
C ASP B 122 -4.12 2.84 -14.43
N HIS B 123 -3.31 3.09 -15.44
CA HIS B 123 -3.66 4.07 -16.46
C HIS B 123 -4.66 3.57 -17.50
N ASP B 124 -4.68 2.27 -17.78
CA ASP B 124 -5.60 1.74 -18.79
C ASP B 124 -6.40 0.53 -18.30
N SER B 125 -6.19 0.13 -17.04
CA SER B 125 -6.89 -1.00 -16.43
C SER B 125 -6.68 -2.32 -17.17
N SER B 126 -5.65 -2.39 -18.00
CA SER B 126 -5.29 -3.64 -18.64
C SER B 126 -4.62 -4.55 -17.62
N GLU B 127 -4.79 -5.86 -17.78
CA GLU B 127 -4.25 -6.81 -16.81
C GLU B 127 -3.15 -7.67 -17.39
N GLU B 128 -2.29 -8.19 -16.50
CA GLU B 128 -1.18 -9.03 -16.93
C GLU B 128 -0.65 -9.89 -15.78
N ILE B 129 -0.27 -11.12 -16.10
CA ILE B 129 0.37 -12.01 -15.14
C ILE B 129 1.89 -11.88 -15.25
N VAL B 130 2.52 -11.40 -14.19
CA VAL B 130 3.95 -11.09 -14.22
C VAL B 130 4.73 -11.82 -13.13
N PRO B 131 6.01 -12.13 -13.40
CA PRO B 131 6.90 -12.67 -12.37
C PRO B 131 7.44 -11.57 -11.46
N LEU B 132 8.16 -11.96 -10.41
CA LEU B 132 8.74 -11.01 -9.47
C LEU B 132 9.77 -10.10 -10.16
N ARG B 133 10.35 -10.61 -11.23
CA ARG B 133 11.39 -9.90 -11.99
C ARG B 133 10.92 -8.55 -12.51
N LYS B 134 9.61 -8.44 -12.78
CA LYS B 134 9.03 -7.23 -13.36
C LYS B 134 8.44 -6.28 -12.31
N VAL B 135 8.55 -6.65 -11.04
CA VAL B 135 7.93 -5.89 -9.97
C VAL B 135 8.91 -5.03 -9.19
N CYS B 136 8.59 -3.74 -9.07
CA CYS B 136 9.30 -2.84 -8.16
C CYS B 136 8.35 -2.42 -7.05
N ARG B 137 8.73 -2.70 -5.81
CA ARG B 137 7.88 -2.41 -4.67
C ARG B 137 8.16 -1.03 -4.10
N ARG B 138 7.11 -0.40 -3.57
CA ARG B 138 7.25 0.89 -2.93
C ARG B 138 8.12 0.75 -1.68
N PRO B 139 8.93 1.78 -1.39
CA PRO B 139 9.90 1.72 -0.29
C PRO B 139 9.28 1.43 1.08
N GLU B 140 8.02 1.84 1.28
CA GLU B 140 7.34 1.60 2.55
C GLU B 140 7.27 0.12 2.89
N THR B 141 7.23 -0.71 1.84
CA THR B 141 7.15 -2.15 2.03
C THR B 141 8.36 -2.70 2.77
N ASP B 142 9.45 -1.92 2.81
CA ASP B 142 10.62 -2.29 3.61
C ASP B 142 10.20 -2.61 5.03
N TYR B 143 9.24 -1.83 5.55
CA TYR B 143 8.66 -2.06 6.87
C TYR B 143 8.35 -3.54 7.07
N ARG B 144 7.57 -4.09 6.14
CA ARG B 144 7.20 -5.50 6.16
C ARG B 144 8.42 -6.37 6.36
N LEU B 145 9.42 -6.19 5.50
CA LEU B 145 10.64 -6.99 5.57
C LEU B 145 11.27 -6.87 6.94
N GLN B 146 11.31 -5.65 7.46
CA GLN B 146 11.90 -5.40 8.78
C GLN B 146 11.18 -6.21 9.84
N ILE B 147 9.86 -6.27 9.74
CA ILE B 147 9.07 -7.06 10.69
C ILE B 147 9.50 -8.52 10.56
N LEU B 148 9.64 -8.96 9.32
CA LEU B 148 10.07 -10.34 9.05
C LEU B 148 11.49 -10.53 9.53
N HIS B 149 12.26 -9.44 9.52
CA HIS B 149 13.63 -9.48 9.99
C HIS B 149 13.68 -9.44 11.52
N ALA B 150 12.61 -8.91 12.11
CA ALA B 150 12.53 -8.82 13.57
C ALA B 150 12.22 -10.19 14.16
N ALA B 151 11.69 -11.08 13.33
CA ALA B 151 11.41 -12.44 13.75
C ALA B 151 12.62 -13.34 13.54
N ARG B 152 13.80 -12.73 13.49
CA ARG B 152 15.05 -13.47 13.31
C ARG B 152 15.38 -14.33 14.52
N ALA B 153 16.45 -15.11 14.43
CA ALA B 153 16.91 -15.93 15.53
C ALA B 153 17.89 -15.16 16.42
N ARG C 2 -4.71 4.10 20.11
CA ARG C 2 -5.14 3.71 18.77
C ARG C 2 -6.35 2.80 18.84
N THR C 3 -7.46 3.34 19.34
CA THR C 3 -8.69 2.58 19.48
C THR C 3 -9.51 2.62 18.19
N LYS C 4 -10.02 1.46 17.78
CA LYS C 4 -10.88 1.37 16.61
C LYS C 4 -12.32 1.70 16.96
N GLN C 5 -13.12 1.97 15.92
CA GLN C 5 -14.57 2.10 16.09
C GLN C 5 -15.14 0.75 16.49
N THR C 6 -16.27 0.77 17.19
CA THR C 6 -16.92 -0.48 17.60
C THR C 6 -17.76 -1.06 16.47
N ALA C 7 -17.31 -2.18 15.93
CA ALA C 7 -18.01 -2.84 14.83
C ALA C 7 -19.36 -3.40 15.30
N ARG C 8 -20.38 -3.25 14.45
CA ARG C 8 -21.71 -3.76 14.75
C ARG C 8 -22.18 -4.72 13.66
N MLY C 9 -22.26 -6.00 13.99
CA MLY C 9 -22.64 -7.03 13.02
CB MLY C 9 -22.17 -8.41 13.49
CG MLY C 9 -20.71 -8.47 13.91
CD MLY C 9 -20.20 -9.89 13.96
CE MLY C 9 -18.81 -9.95 14.55
NZ MLY C 9 -18.10 -11.23 14.24
CH1 MLY C 9 -16.94 -11.28 15.13
CH2 MLY C 9 -18.98 -12.32 14.63
C MLY C 9 -24.15 -7.04 12.77
O MLY C 9 -24.93 -6.59 13.62
N GLN D 5 15.31 -2.63 -14.56
CA GLN D 5 15.91 -2.90 -15.85
C GLN D 5 15.73 -1.73 -16.82
N THR D 6 16.45 -1.77 -17.93
CA THR D 6 16.50 -0.65 -18.87
C THR D 6 15.13 -0.30 -19.46
N ALA D 7 14.70 0.93 -19.25
CA ALA D 7 13.49 1.37 -19.92
C ALA D 7 13.85 1.69 -21.34
N ARG D 8 12.95 1.38 -22.24
CA ARG D 8 13.13 1.67 -23.63
C ARG D 8 11.86 2.30 -24.20
N MLY D 9 11.98 3.47 -24.80
CA MLY D 9 10.85 4.14 -25.38
CB MLY D 9 10.95 5.64 -25.12
CG MLY D 9 11.40 6.02 -23.70
CD MLY D 9 11.29 7.53 -23.44
CE MLY D 9 11.91 8.01 -22.14
NZ MLY D 9 11.55 9.41 -21.88
CH1 MLY D 9 10.10 9.56 -21.83
CH2 MLY D 9 12.05 9.86 -20.59
C MLY D 9 10.83 3.84 -26.85
O MLY D 9 9.91 4.29 -27.55
ZN ZN E . -6.16 16.13 7.42
ZN ZN F . 8.15 -15.97 -4.54
#